data_4IBK
#
_entry.id   4IBK
#
_cell.length_a   51.222
_cell.length_b   65.689
_cell.length_c   72.831
_cell.angle_alpha   90.00
_cell.angle_beta   90.00
_cell.angle_gamma   90.00
#
_symmetry.space_group_name_H-M   'P 21 21 21'
#
loop_
_entity.id
_entity.type
_entity.pdbx_description
1 polymer 'Polymerase cofactor VP35'
2 non-polymer '3-{(2S)-2-(7-chloro-1,3-benzodioxol-5-yl)-3-[(5-chlorothiophen-2-yl)carbonyl]-4-hydroxy-5-oxo-2,5-dihydro-1H-pyrrol-1-yl}benzoic acid'
3 non-polymer GLYCEROL
4 non-polymer 'DIMETHYL SULFOXIDE'
5 water water
#
_entity_poly.entity_id   1
_entity_poly.type   'polypeptide(L)'
_entity_poly.pdbx_seq_one_letter_code
;GHMGKPDISAKDLRNIMYDHLPGFGTAFHQLVQVICKLGKDSNSLDIIHAEFQASLAEGDSPQCALIQITKRVPIFQDAA
PPVIHIRSRGDIPRACQKSLRPVPPSPKIDRGWVCVFQLQDGKTLGLKI
;
_entity_poly.pdbx_strand_id   A,B
#
loop_
_chem_comp.id
_chem_comp.type
_chem_comp.name
_chem_comp.formula
1DE non-polymer '3-{(2S)-2-(7-chloro-1,3-benzodioxol-5-yl)-3-[(5-chlorothiophen-2-yl)carbonyl]-4-hydroxy-5-oxo-2,5-dihydro-1H-pyrrol-1-yl}benzoic acid' 'C23 H13 Cl2 N O7 S'
DMS non-polymer 'DIMETHYL SULFOXIDE' 'C2 H6 O S'
GOL non-polymer GLYCEROL 'C3 H8 O3'
#
# COMPACT_ATOMS: atom_id res chain seq x y z
N ASP A 7 -24.85 -8.84 14.66
CA ASP A 7 -24.65 -8.45 13.26
C ASP A 7 -23.69 -9.40 12.58
N ILE A 8 -23.75 -9.44 11.26
CA ILE A 8 -22.87 -10.29 10.47
C ILE A 8 -21.43 -9.80 10.58
N SER A 9 -20.51 -10.74 10.73
CA SER A 9 -19.10 -10.40 10.89
C SER A 9 -18.37 -10.58 9.57
N ALA A 10 -17.15 -10.09 9.49
CA ALA A 10 -16.32 -10.32 8.31
C ALA A 10 -16.16 -11.82 8.04
N LYS A 11 -15.92 -12.59 9.09
CA LYS A 11 -15.77 -14.04 8.96
C LYS A 11 -17.07 -14.69 8.46
N ASP A 12 -18.22 -14.31 9.04
CA ASP A 12 -19.50 -14.82 8.58
C ASP A 12 -19.71 -14.55 7.09
N LEU A 13 -19.46 -13.32 6.68
CA LEU A 13 -19.72 -12.94 5.29
C LEU A 13 -18.77 -13.66 4.34
N ARG A 14 -17.51 -13.77 4.73
CA ARG A 14 -16.53 -14.54 3.96
C ARG A 14 -17.05 -15.96 3.70
N ASN A 15 -17.52 -16.61 4.75
CA ASN A 15 -18.01 -17.98 4.63
C ASN A 15 -19.24 -18.07 3.74
N ILE A 16 -20.17 -17.13 3.92
CA ILE A 16 -21.34 -17.06 3.06
C ILE A 16 -20.95 -16.93 1.57
N MET A 17 -20.02 -16.04 1.28
CA MET A 17 -19.57 -15.84 -0.10
C MET A 17 -18.78 -17.04 -0.62
N TYR A 18 -17.89 -17.58 0.21
CA TYR A 18 -17.17 -18.80 -0.14
C TYR A 18 -18.12 -19.94 -0.53
N ASP A 19 -19.22 -20.06 0.20
CA ASP A 19 -20.21 -21.12 -0.03
C ASP A 19 -20.76 -21.09 -1.43
N HIS A 20 -20.63 -19.95 -2.10
CA HIS A 20 -21.15 -19.82 -3.45
C HIS A 20 -20.08 -19.99 -4.57
N LEU A 21 -18.81 -20.05 -4.20
CA LEU A 21 -17.75 -20.09 -5.22
C LEU A 21 -17.23 -21.49 -5.51
N PRO A 22 -16.92 -21.76 -6.79
CA PRO A 22 -16.29 -23.05 -7.12
C PRO A 22 -14.78 -22.97 -6.87
N GLY A 23 -14.14 -24.13 -6.71
CA GLY A 23 -12.70 -24.17 -6.51
C GLY A 23 -12.28 -23.73 -5.12
N PHE A 24 -10.98 -23.52 -4.96
CA PHE A 24 -10.40 -23.19 -3.68
C PHE A 24 -9.19 -22.27 -3.90
N GLY A 25 -9.12 -21.18 -3.16
CA GLY A 25 -7.99 -20.27 -3.25
C GLY A 25 -7.89 -19.58 -4.61
N THR A 26 -9.05 -19.33 -5.23
CA THR A 26 -9.06 -18.67 -6.53
C THR A 26 -9.00 -17.16 -6.37
N ALA A 27 -8.85 -16.43 -7.48
CA ALA A 27 -8.84 -14.98 -7.42
C ALA A 27 -10.13 -14.45 -6.79
N PHE A 28 -11.24 -15.13 -7.03
CA PHE A 28 -12.51 -14.70 -6.43
C PHE A 28 -12.55 -14.92 -4.91
N HIS A 29 -11.89 -15.97 -4.44
CA HIS A 29 -11.77 -16.15 -2.99
C HIS A 29 -10.99 -14.99 -2.37
N GLN A 30 -9.94 -14.54 -3.05
CA GLN A 30 -9.19 -13.40 -2.55
C GLN A 30 -10.02 -12.11 -2.64
N LEU A 31 -10.80 -11.97 -3.70
CA LEU A 31 -11.65 -10.79 -3.80
C LEU A 31 -12.65 -10.77 -2.62
N VAL A 32 -13.16 -11.94 -2.24
CA VAL A 32 -14.01 -12.04 -1.05
C VAL A 32 -13.27 -11.52 0.20
N GLN A 33 -12.03 -11.97 0.37
CA GLN A 33 -11.20 -11.53 1.49
C GLN A 33 -11.07 -10.01 1.53
N VAL A 34 -10.83 -9.42 0.37
CA VAL A 34 -10.61 -7.98 0.26
C VAL A 34 -11.90 -7.21 0.55
N ILE A 35 -12.99 -7.69 -0.02
CA ILE A 35 -14.29 -7.09 0.19
C ILE A 35 -14.69 -7.13 1.66
N CYS A 36 -14.40 -8.24 2.33
CA CYS A 36 -14.75 -8.36 3.73
C CYS A 36 -13.87 -7.51 4.63
N LYS A 37 -12.57 -7.42 4.31
CA LYS A 37 -11.65 -6.65 5.12
C LYS A 37 -11.94 -5.16 4.98
N LEU A 38 -12.11 -4.70 3.74
CA LEU A 38 -12.39 -3.28 3.49
C LEU A 38 -13.80 -2.93 3.97
N GLY A 39 -14.71 -3.88 3.83
CA GLY A 39 -16.06 -3.75 4.33
C GLY A 39 -16.09 -3.63 5.84
N LYS A 40 -15.29 -4.44 6.53
CA LYS A 40 -15.20 -4.38 7.98
C LYS A 40 -14.72 -3.01 8.43
N ASP A 41 -13.65 -2.55 7.76
CA ASP A 41 -12.96 -1.32 8.15
C ASP A 41 -13.80 -0.08 7.89
N SER A 42 -14.82 -0.23 7.06
CA SER A 42 -15.74 0.87 6.76
C SER A 42 -17.18 0.57 7.21
N ASN A 43 -17.31 -0.35 8.16
CA ASN A 43 -18.61 -0.67 8.77
C ASN A 43 -19.71 -0.90 7.73
N SER A 44 -19.35 -1.53 6.63
CA SER A 44 -20.25 -1.69 5.49
C SER A 44 -20.60 -3.13 5.17
N LEU A 45 -20.34 -4.05 6.10
CA LEU A 45 -20.64 -5.46 5.81
C LEU A 45 -22.11 -5.73 5.51
N ASP A 46 -23.01 -4.96 6.12
CA ASP A 46 -24.44 -5.16 5.87
C ASP A 46 -24.85 -4.83 4.43
N ILE A 47 -24.47 -3.65 3.94
CA ILE A 47 -24.85 -3.30 2.57
C ILE A 47 -24.16 -4.21 1.55
N ILE A 48 -22.92 -4.60 1.84
CA ILE A 48 -22.22 -5.54 0.97
C ILE A 48 -22.96 -6.88 0.88
N HIS A 49 -23.41 -7.38 2.04
CA HIS A 49 -24.15 -8.63 2.05
C HIS A 49 -25.46 -8.47 1.28
N ALA A 50 -26.12 -7.33 1.49
CA ALA A 50 -27.40 -7.04 0.82
C ALA A 50 -27.24 -6.98 -0.69
N GLU A 51 -26.19 -6.33 -1.18
CA GLU A 51 -25.93 -6.28 -2.62
C GLU A 51 -25.60 -7.66 -3.17
N PHE A 52 -24.82 -8.43 -2.42
CA PHE A 52 -24.47 -9.78 -2.84
C PHE A 52 -25.72 -10.63 -3.03
N GLN A 53 -26.62 -10.59 -2.06
CA GLN A 53 -27.82 -11.41 -2.13
C GLN A 53 -28.76 -10.90 -3.22
N ALA A 54 -28.83 -9.60 -3.37
CA ALA A 54 -29.73 -9.01 -4.36
C ALA A 54 -29.32 -9.40 -5.77
N SER A 55 -28.00 -9.42 -6.02
CA SER A 55 -27.47 -9.85 -7.31
C SER A 55 -27.75 -11.31 -7.60
N LEU A 56 -27.55 -12.17 -6.59
CA LEU A 56 -27.89 -13.59 -6.78
C LEU A 56 -29.37 -13.73 -7.08
N ALA A 57 -30.19 -12.96 -6.36
CA ALA A 57 -31.64 -13.07 -6.51
C ALA A 57 -32.08 -12.65 -7.91
N GLU A 58 -31.31 -11.79 -8.56
CA GLU A 58 -31.63 -11.35 -9.93
C GLU A 58 -31.17 -12.37 -10.98
N GLY A 59 -30.39 -13.36 -10.54
CA GLY A 59 -29.94 -14.42 -11.42
C GLY A 59 -28.47 -14.35 -11.80
N ASP A 60 -27.73 -13.38 -11.24
CA ASP A 60 -26.31 -13.22 -11.56
C ASP A 60 -25.51 -14.36 -10.96
N SER A 61 -24.41 -14.71 -11.60
CA SER A 61 -23.49 -15.68 -11.01
C SER A 61 -22.88 -15.04 -9.77
N PRO A 62 -22.38 -15.85 -8.84
CA PRO A 62 -21.76 -15.26 -7.65
C PRO A 62 -20.51 -14.46 -8.02
N GLN A 63 -19.80 -14.86 -9.06
CA GLN A 63 -18.67 -14.08 -9.55
C GLN A 63 -19.10 -12.69 -9.98
N CYS A 64 -20.15 -12.61 -10.79
CA CYS A 64 -20.67 -11.34 -11.25
CA CYS A 64 -20.68 -11.33 -11.23
C CYS A 64 -21.16 -10.50 -10.06
N ALA A 65 -21.74 -11.18 -9.06
CA ALA A 65 -22.23 -10.47 -7.88
C ALA A 65 -21.09 -9.78 -7.10
N LEU A 66 -19.94 -10.44 -7.04
CA LEU A 66 -18.78 -9.89 -6.35
C LEU A 66 -18.21 -8.71 -7.11
N ILE A 67 -18.16 -8.81 -8.44
CA ILE A 67 -17.63 -7.69 -9.24
C ILE A 67 -18.59 -6.50 -9.13
N GLN A 68 -19.88 -6.77 -9.12
CA GLN A 68 -20.88 -5.71 -9.01
C GLN A 68 -20.78 -4.99 -7.66
N ILE A 69 -20.41 -5.71 -6.60
CA ILE A 69 -20.15 -5.04 -5.33
C ILE A 69 -19.04 -4.00 -5.50
N THR A 70 -17.97 -4.36 -6.22
CA THR A 70 -16.88 -3.41 -6.41
C THR A 70 -17.32 -2.18 -7.21
N LYS A 71 -18.39 -2.32 -7.98
CA LYS A 71 -18.86 -1.20 -8.80
C LYS A 71 -20.02 -0.43 -8.17
N ARG A 72 -20.74 -1.06 -7.25
CA ARG A 72 -21.96 -0.47 -6.71
C ARG A 72 -21.83 0.05 -5.28
N VAL A 73 -20.97 -0.58 -4.49
CA VAL A 73 -20.81 -0.15 -3.10
C VAL A 73 -19.74 0.93 -3.07
N PRO A 74 -20.10 2.14 -2.60
CA PRO A 74 -19.25 3.33 -2.77
C PRO A 74 -17.85 3.25 -2.16
N ILE A 75 -17.60 2.44 -1.14
CA ILE A 75 -16.23 2.37 -0.62
C ILE A 75 -15.22 1.79 -1.64
N PHE A 76 -15.72 1.14 -2.69
CA PHE A 76 -14.82 0.50 -3.64
C PHE A 76 -14.66 1.34 -4.90
N GLN A 77 -15.52 2.33 -5.06
CA GLN A 77 -15.54 3.08 -6.30
C GLN A 77 -14.31 3.96 -6.42
N ASP A 78 -13.58 3.78 -7.51
CA ASP A 78 -12.32 4.48 -7.75
C ASP A 78 -11.29 4.28 -6.63
N ALA A 79 -11.38 3.13 -5.93
CA ALA A 79 -10.46 2.86 -4.83
C ALA A 79 -9.25 2.05 -5.31
N ALA A 80 -8.10 2.28 -4.68
CA ALA A 80 -6.90 1.52 -4.96
C ALA A 80 -6.95 0.18 -4.22
N PRO A 81 -6.31 -0.86 -4.76
CA PRO A 81 -6.33 -2.15 -4.07
C PRO A 81 -5.48 -2.10 -2.80
N PRO A 82 -5.89 -2.85 -1.77
CA PRO A 82 -5.13 -2.84 -0.53
C PRO A 82 -3.81 -3.54 -0.77
N VAL A 83 -2.80 -3.15 0.01
CA VAL A 83 -1.51 -3.80 -0.04
C VAL A 83 -1.49 -4.88 1.04
N ILE A 84 -1.09 -6.09 0.65
CA ILE A 84 -1.00 -7.19 1.58
C ILE A 84 0.43 -7.69 1.62
N HIS A 85 1.08 -7.56 2.77
CA HIS A 85 2.47 -7.98 2.89
C HIS A 85 2.58 -9.50 3.09
N ILE A 86 3.40 -10.15 2.26
CA ILE A 86 3.64 -11.58 2.36
C ILE A 86 5.12 -11.87 2.20
N ARG A 87 5.53 -13.08 2.56
CA ARG A 87 6.94 -13.46 2.49
C ARG A 87 7.41 -13.63 1.05
N SER A 88 6.72 -14.49 0.30
CA SER A 88 7.11 -14.77 -1.08
C SER A 88 5.92 -15.22 -1.89
N ARG A 89 6.14 -15.40 -3.18
CA ARG A 89 5.07 -15.75 -4.11
C ARG A 89 4.38 -17.06 -3.69
N GLY A 90 5.12 -17.95 -3.03
CA GLY A 90 4.58 -19.25 -2.64
C GLY A 90 3.47 -19.19 -1.59
N ASP A 91 3.36 -18.07 -0.88
CA ASP A 91 2.30 -17.89 0.12
C ASP A 91 0.95 -17.63 -0.52
N ILE A 92 0.96 -17.27 -1.80
CA ILE A 92 -0.29 -17.05 -2.53
C ILE A 92 -0.83 -18.40 -3.00
N PRO A 93 -2.14 -18.64 -2.83
CA PRO A 93 -2.72 -19.93 -3.24
C PRO A 93 -2.44 -20.30 -4.70
N ARG A 94 -2.30 -21.58 -4.97
CA ARG A 94 -1.99 -22.10 -6.30
C ARG A 94 -2.95 -21.57 -7.37
N ALA A 95 -4.24 -21.54 -7.05
CA ALA A 95 -5.27 -21.14 -8.01
C ALA A 95 -5.23 -19.66 -8.38
N CYS A 96 -4.47 -18.86 -7.61
CA CYS A 96 -4.30 -17.44 -7.91
C CYS A 96 -3.08 -17.11 -8.77
N GLN A 97 -2.16 -18.07 -8.89
CA GLN A 97 -0.83 -17.78 -9.41
C GLN A 97 -0.84 -17.20 -10.83
N LYS A 98 -1.71 -17.74 -11.68
CA LYS A 98 -1.76 -17.27 -13.05
C LYS A 98 -2.46 -15.92 -13.18
N SER A 99 -3.06 -15.45 -12.07
CA SER A 99 -3.74 -14.17 -12.06
C SER A 99 -2.87 -13.04 -11.53
N LEU A 100 -1.63 -13.38 -11.14
CA LEU A 100 -0.68 -12.39 -10.65
C LEU A 100 0.01 -11.65 -11.80
N ARG A 101 0.10 -10.34 -11.67
CA ARG A 101 0.59 -9.50 -12.76
C ARG A 101 1.50 -8.40 -12.24
N PRO A 102 2.35 -7.84 -13.12
CA PRO A 102 3.04 -6.62 -12.72
C PRO A 102 2.01 -5.54 -12.37
N VAL A 103 2.32 -4.72 -11.37
CA VAL A 103 1.42 -3.67 -10.91
C VAL A 103 1.44 -2.46 -11.86
N PRO A 104 0.27 -2.12 -12.41
CA PRO A 104 0.15 -0.98 -13.33
C PRO A 104 0.24 0.33 -12.56
N PRO A 105 0.36 1.48 -13.25
CA PRO A 105 0.53 2.75 -12.53
C PRO A 105 -0.59 3.12 -11.54
N SER A 106 -1.85 3.02 -11.94
CA SER A 106 -2.94 3.39 -11.03
C SER A 106 -3.98 2.29 -10.95
N PRO A 107 -3.62 1.16 -10.30
CA PRO A 107 -4.55 0.04 -10.22
C PRO A 107 -5.80 0.44 -9.41
N LYS A 108 -6.97 -0.04 -9.82
CA LYS A 108 -8.21 0.28 -9.14
C LYS A 108 -9.02 -0.99 -8.94
N ILE A 109 -9.60 -1.16 -7.76
CA ILE A 109 -10.39 -2.34 -7.43
C ILE A 109 -11.55 -2.55 -8.40
N ASP A 110 -12.25 -1.47 -8.74
CA ASP A 110 -13.40 -1.58 -9.63
C ASP A 110 -13.01 -1.76 -11.10
N ARG A 111 -11.71 -1.87 -11.36
CA ARG A 111 -11.24 -2.26 -12.68
C ARG A 111 -10.60 -3.66 -12.62
N GLY A 112 -10.83 -4.37 -11.51
CA GLY A 112 -10.42 -5.76 -11.43
C GLY A 112 -9.12 -6.04 -10.69
N TRP A 113 -8.45 -4.99 -10.21
CA TRP A 113 -7.25 -5.19 -9.41
C TRP A 113 -7.63 -5.44 -7.96
N VAL A 114 -7.63 -6.71 -7.60
CA VAL A 114 -8.12 -7.17 -6.30
C VAL A 114 -7.25 -6.68 -5.14
N CYS A 115 -5.96 -6.96 -5.21
CA CYS A 115 -5.05 -6.51 -4.17
C CYS A 115 -3.66 -6.44 -4.77
N VAL A 116 -2.73 -5.88 -4.00
CA VAL A 116 -1.32 -5.89 -4.38
C VAL A 116 -0.58 -6.63 -3.27
N PHE A 117 0.17 -7.65 -3.66
CA PHE A 117 1.02 -8.37 -2.73
C PHE A 117 2.39 -7.68 -2.71
N GLN A 118 2.82 -7.30 -1.51
CA GLN A 118 4.13 -6.70 -1.29
C GLN A 118 5.01 -7.80 -0.72
N LEU A 119 5.99 -8.24 -1.51
CA LEU A 119 6.81 -9.39 -1.13
C LEU A 119 7.99 -8.94 -0.28
N GLN A 120 8.50 -9.84 0.55
CA GLN A 120 9.55 -9.46 1.50
C GLN A 120 10.79 -8.89 0.83
N ASP A 121 11.11 -9.40 -0.36
CA ASP A 121 12.34 -9.01 -1.04
C ASP A 121 12.16 -7.76 -1.88
N GLY A 122 10.98 -7.15 -1.81
CA GLY A 122 10.74 -5.93 -2.54
C GLY A 122 9.85 -6.07 -3.76
N LYS A 123 9.72 -7.29 -4.29
CA LYS A 123 8.84 -7.55 -5.43
C LYS A 123 7.41 -7.21 -5.09
N THR A 124 6.66 -6.73 -6.07
CA THR A 124 5.25 -6.44 -5.89
C THR A 124 4.46 -7.07 -7.05
N LEU A 125 3.33 -7.69 -6.71
CA LEU A 125 2.48 -8.33 -7.70
C LEU A 125 1.01 -8.00 -7.49
N GLY A 126 0.32 -7.60 -8.56
CA GLY A 126 -1.11 -7.33 -8.47
C GLY A 126 -1.90 -8.56 -8.83
N LEU A 127 -3.04 -8.74 -8.18
CA LEU A 127 -3.92 -9.87 -8.48
C LEU A 127 -5.06 -9.31 -9.31
N LYS A 128 -5.19 -9.84 -10.54
CA LYS A 128 -6.12 -9.25 -11.50
C LYS A 128 -7.26 -10.21 -11.82
N ILE A 129 -8.47 -9.66 -11.87
CA ILE A 129 -9.62 -10.33 -12.47
C ILE A 129 -10.04 -9.56 -13.71
N PRO B 6 32.84 -2.64 -2.29
CA PRO B 6 31.55 -2.90 -2.93
C PRO B 6 30.68 -1.65 -3.02
N ASP B 7 29.55 -1.75 -3.73
CA ASP B 7 28.64 -0.62 -3.89
C ASP B 7 27.97 -0.30 -2.57
N ILE B 8 27.54 0.95 -2.45
CA ILE B 8 26.80 1.40 -1.28
C ILE B 8 25.48 0.65 -1.15
N SER B 9 25.20 0.19 0.06
CA SER B 9 24.00 -0.57 0.36
C SER B 9 22.95 0.35 0.95
N ALA B 10 21.73 -0.16 1.08
CA ALA B 10 20.65 0.62 1.69
C ALA B 10 21.03 0.99 3.11
N LYS B 11 21.62 0.04 3.83
CA LYS B 11 22.03 0.29 5.21
C LYS B 11 23.12 1.37 5.27
N ASP B 12 24.12 1.28 4.40
CA ASP B 12 25.16 2.30 4.33
C ASP B 12 24.57 3.69 4.06
N LEU B 13 23.68 3.78 3.08
CA LEU B 13 23.12 5.07 2.70
C LEU B 13 22.25 5.64 3.82
N ARG B 14 21.49 4.77 4.48
CA ARG B 14 20.67 5.19 5.61
C ARG B 14 21.52 5.79 6.73
N ASN B 15 22.63 5.12 7.04
CA ASN B 15 23.54 5.62 8.07
C ASN B 15 24.16 6.97 7.69
N ILE B 16 24.52 7.11 6.41
CA ILE B 16 25.05 8.37 5.90
C ILE B 16 24.05 9.53 6.05
N MET B 17 22.82 9.29 5.62
CA MET B 17 21.79 10.30 5.75
C MET B 17 21.44 10.57 7.21
N TYR B 18 21.38 9.53 8.04
CA TYR B 18 21.09 9.71 9.47
C TYR B 18 22.14 10.62 10.12
N ASP B 19 23.39 10.47 9.69
CA ASP B 19 24.49 11.24 10.27
C ASP B 19 24.33 12.74 10.04
N HIS B 20 23.51 13.12 9.07
CA HIS B 20 23.24 14.54 8.81
C HIS B 20 22.01 15.10 9.52
N LEU B 21 21.15 14.23 10.05
CA LEU B 21 19.88 14.67 10.64
C LEU B 21 19.96 14.94 12.13
N PRO B 22 19.29 16.00 12.60
CA PRO B 22 19.25 16.19 14.05
C PRO B 22 18.15 15.33 14.70
N GLY B 23 18.33 15.00 15.98
CA GLY B 23 17.31 14.24 16.68
C GLY B 23 17.30 12.79 16.25
N PHE B 24 16.21 12.09 16.59
CA PHE B 24 16.07 10.67 16.28
C PHE B 24 14.59 10.32 16.14
N GLY B 25 14.28 9.43 15.20
CA GLY B 25 12.91 9.00 15.00
C GLY B 25 11.98 10.08 14.48
N THR B 26 12.54 11.09 13.81
CA THR B 26 11.74 12.17 13.23
C THR B 26 11.17 11.76 11.88
N ALA B 27 10.31 12.61 11.32
CA ALA B 27 9.69 12.31 10.04
C ALA B 27 10.77 12.16 8.98
N PHE B 28 11.84 12.94 9.11
CA PHE B 28 12.92 12.86 8.12
C PHE B 28 13.68 11.56 8.21
N HIS B 29 13.80 11.01 9.42
CA HIS B 29 14.44 9.72 9.58
C HIS B 29 13.59 8.66 8.86
N GLN B 30 12.28 8.76 8.97
CA GLN B 30 11.42 7.81 8.26
C GLN B 30 11.48 8.02 6.75
N LEU B 31 11.59 9.27 6.33
CA LEU B 31 11.77 9.54 4.91
C LEU B 31 13.08 8.91 4.40
N VAL B 32 14.14 8.95 5.21
CA VAL B 32 15.38 8.27 4.84
C VAL B 32 15.11 6.78 4.63
N GLN B 33 14.37 6.18 5.56
CA GLN B 33 14.02 4.76 5.46
C GLN B 33 13.28 4.43 4.17
N VAL B 34 12.34 5.29 3.80
CA VAL B 34 11.55 5.09 2.59
C VAL B 34 12.40 5.24 1.33
N ILE B 35 13.20 6.29 1.31
CA ILE B 35 14.11 6.55 0.19
C ILE B 35 15.09 5.39 -0.01
N CYS B 36 15.64 4.84 1.05
CA CYS B 36 16.60 3.75 0.91
C CYS B 36 15.93 2.44 0.47
N LYS B 37 14.74 2.17 0.99
CA LYS B 37 13.99 0.95 0.65
C LYS B 37 13.56 1.01 -0.81
N LEU B 38 12.92 2.11 -1.23
CA LEU B 38 12.46 2.21 -2.61
C LEU B 38 13.67 2.29 -3.54
N GLY B 39 14.73 2.93 -3.06
CA GLY B 39 15.96 3.04 -3.81
C GLY B 39 16.60 1.68 -4.02
N LYS B 40 16.58 0.86 -2.98
CA LYS B 40 17.14 -0.49 -3.09
C LYS B 40 16.34 -1.30 -4.11
N ASP B 41 15.01 -1.24 -3.99
CA ASP B 41 14.12 -2.05 -4.82
C ASP B 41 14.18 -1.64 -6.28
N SER B 42 14.67 -0.43 -6.54
CA SER B 42 14.80 0.05 -7.92
C SER B 42 16.25 0.33 -8.32
N ASN B 43 17.19 -0.32 -7.66
CA ASN B 43 18.62 -0.22 -8.00
C ASN B 43 19.09 1.21 -8.24
N SER B 44 18.60 2.13 -7.42
CA SER B 44 18.83 3.54 -7.61
C SER B 44 19.57 4.18 -6.47
N LEU B 45 20.18 3.37 -5.60
CA LEU B 45 20.90 3.94 -4.45
C LEU B 45 22.03 4.87 -4.88
N ASP B 46 22.65 4.61 -6.03
CA ASP B 46 23.78 5.45 -6.42
C ASP B 46 23.36 6.87 -6.77
N ILE B 47 22.34 6.99 -7.62
CA ILE B 47 21.88 8.33 -8.00
C ILE B 47 21.26 9.05 -6.81
N ILE B 48 20.63 8.30 -5.92
CA ILE B 48 20.05 8.90 -4.72
C ILE B 48 21.17 9.51 -3.86
N HIS B 49 22.25 8.76 -3.67
CA HIS B 49 23.37 9.27 -2.88
C HIS B 49 23.98 10.49 -3.57
N ALA B 50 24.13 10.41 -4.89
CA ALA B 50 24.73 11.51 -5.63
C ALA B 50 23.91 12.78 -5.52
N GLU B 51 22.58 12.66 -5.60
CA GLU B 51 21.71 13.83 -5.49
C GLU B 51 21.77 14.38 -4.07
N PHE B 52 21.79 13.49 -3.08
CA PHE B 52 21.95 13.91 -1.70
C PHE B 52 23.19 14.79 -1.53
N GLN B 53 24.33 14.30 -2.00
CA GLN B 53 25.60 14.98 -1.77
C GLN B 53 25.65 16.28 -2.55
N ALA B 54 25.05 16.26 -3.73
CA ALA B 54 25.08 17.43 -4.62
C ALA B 54 24.27 18.57 -4.03
N SER B 55 23.17 18.23 -3.37
CA SER B 55 22.36 19.24 -2.70
CA SER B 55 22.34 19.22 -2.70
C SER B 55 23.08 19.82 -1.49
N LEU B 56 23.72 18.96 -0.70
CA LEU B 56 24.51 19.48 0.43
C LEU B 56 25.62 20.38 -0.08
N ALA B 57 26.23 20.00 -1.20
CA ALA B 57 27.35 20.75 -1.76
C ALA B 57 26.92 22.14 -2.25
N GLU B 58 25.64 22.27 -2.59
CA GLU B 58 25.12 23.57 -3.01
C GLU B 58 24.72 24.42 -1.81
N GLY B 59 24.72 23.83 -0.62
CA GLY B 59 24.42 24.58 0.57
C GLY B 59 23.04 24.33 1.15
N ASP B 60 22.30 23.38 0.59
CA ASP B 60 20.98 23.02 1.11
C ASP B 60 21.11 22.33 2.46
N SER B 61 20.09 22.46 3.30
CA SER B 61 20.00 21.67 4.52
C SER B 61 19.84 20.21 4.14
N PRO B 62 20.25 19.28 5.04
CA PRO B 62 20.00 17.86 4.76
C PRO B 62 18.50 17.56 4.58
N GLN B 63 17.65 18.20 5.37
CA GLN B 63 16.20 18.07 5.17
C GLN B 63 15.79 18.46 3.75
N CYS B 64 16.22 19.62 3.30
CA CYS B 64 15.92 20.07 1.93
CA CYS B 64 15.91 20.05 1.93
C CYS B 64 16.48 19.08 0.90
N ALA B 65 17.68 18.58 1.16
CA ALA B 65 18.31 17.58 0.29
C ALA B 65 17.43 16.32 0.12
N LEU B 66 16.85 15.84 1.22
CA LEU B 66 15.97 14.67 1.16
C LEU B 66 14.71 14.95 0.35
N ILE B 67 14.11 16.12 0.58
CA ILE B 67 12.91 16.51 -0.17
C ILE B 67 13.23 16.66 -1.66
N GLN B 68 14.39 17.23 -1.97
CA GLN B 68 14.79 17.38 -3.37
C GLN B 68 14.93 16.01 -4.06
N ILE B 69 15.39 15.01 -3.32
CA ILE B 69 15.47 13.67 -3.87
C ILE B 69 14.09 13.18 -4.31
N THR B 70 13.07 13.42 -3.48
CA THR B 70 11.70 13.03 -3.84
C THR B 70 11.19 13.75 -5.08
N LYS B 71 11.80 14.90 -5.37
CA LYS B 71 11.37 15.67 -6.53
C LYS B 71 12.26 15.51 -7.76
N ARG B 72 13.49 15.05 -7.56
CA ARG B 72 14.45 14.95 -8.68
C ARG B 72 14.76 13.53 -9.13
N VAL B 73 14.65 12.55 -8.23
CA VAL B 73 14.94 11.18 -8.62
C VAL B 73 13.67 10.56 -9.19
N PRO B 74 13.72 10.09 -10.45
CA PRO B 74 12.53 9.69 -11.23
C PRO B 74 11.65 8.61 -10.58
N ILE B 75 12.21 7.72 -9.77
CA ILE B 75 11.37 6.72 -9.11
C ILE B 75 10.38 7.30 -8.09
N PHE B 76 10.62 8.53 -7.63
CA PHE B 76 9.73 9.13 -6.62
C PHE B 76 8.71 10.08 -7.24
N GLN B 77 8.95 10.48 -8.49
CA GLN B 77 8.08 11.48 -9.10
C GLN B 77 6.69 10.92 -9.34
N ASP B 78 5.70 11.57 -8.73
CA ASP B 78 4.30 11.19 -8.91
C ASP B 78 4.01 9.79 -8.38
N ALA B 79 4.84 9.34 -7.45
CA ALA B 79 4.65 8.00 -6.88
C ALA B 79 3.88 8.08 -5.58
N ALA B 80 3.11 7.02 -5.33
CA ALA B 80 2.33 6.92 -4.11
C ALA B 80 3.26 6.46 -3.00
N PRO B 81 2.96 6.85 -1.76
CA PRO B 81 3.80 6.36 -0.66
C PRO B 81 3.65 4.86 -0.43
N PRO B 82 4.73 4.22 0.01
CA PRO B 82 4.67 2.80 0.31
C PRO B 82 3.79 2.56 1.53
N VAL B 83 3.16 1.39 1.58
CA VAL B 83 2.37 1.00 2.71
C VAL B 83 3.26 0.15 3.62
N ILE B 84 3.31 0.53 4.89
CA ILE B 84 4.05 -0.22 5.89
C ILE B 84 3.10 -0.75 6.94
N HIS B 85 3.02 -2.07 7.06
CA HIS B 85 2.13 -2.69 8.03
C HIS B 85 2.75 -2.70 9.43
N ILE B 86 1.99 -2.20 10.40
CA ILE B 86 2.45 -2.12 11.78
C ILE B 86 1.30 -2.51 12.71
N ARG B 87 1.61 -2.82 13.96
CA ARG B 87 0.57 -3.30 14.86
C ARG B 87 -0.36 -2.19 15.33
N SER B 88 0.22 -1.09 15.79
CA SER B 88 -0.57 0.02 16.30
C SER B 88 0.26 1.29 16.23
N ARG B 89 -0.38 2.41 16.59
CA ARG B 89 0.29 3.70 16.58
C ARG B 89 1.54 3.68 17.47
N GLY B 90 1.57 2.82 18.48
CA GLY B 90 2.71 2.74 19.37
C GLY B 90 4.03 2.35 18.71
N ASP B 91 3.96 1.68 17.57
CA ASP B 91 5.13 1.25 16.82
C ASP B 91 5.85 2.40 16.13
N ILE B 92 5.16 3.52 15.95
CA ILE B 92 5.75 4.67 15.30
C ILE B 92 6.53 5.50 16.33
N PRO B 93 7.76 5.91 15.99
CA PRO B 93 8.59 6.68 16.90
C PRO B 93 7.91 7.95 17.42
N ARG B 94 8.21 8.31 18.66
CA ARG B 94 7.59 9.44 19.33
C ARG B 94 7.65 10.73 18.51
N ALA B 95 8.80 10.98 17.89
CA ALA B 95 9.03 12.23 17.17
C ALA B 95 8.27 12.33 15.85
N CYS B 96 7.69 11.23 15.40
CA CYS B 96 6.84 11.23 14.20
C CYS B 96 5.34 11.38 14.50
N GLN B 97 4.97 11.22 15.77
CA GLN B 97 3.55 11.11 16.13
C GLN B 97 2.73 12.31 15.66
N LYS B 98 3.25 13.51 15.82
CA LYS B 98 2.49 14.70 15.46
C LYS B 98 2.47 14.94 13.96
N SER B 99 3.21 14.13 13.23
CA SER B 99 3.20 14.21 11.78
C SER B 99 2.27 13.18 11.13
N LEU B 100 1.56 12.41 11.95
CA LEU B 100 0.61 11.43 11.43
C LEU B 100 -0.73 12.08 11.10
N ARG B 101 -1.28 11.75 9.94
CA ARG B 101 -2.50 12.38 9.43
C ARG B 101 -3.43 11.36 8.78
N PRO B 102 -4.74 11.70 8.73
CA PRO B 102 -5.66 10.89 7.94
C PRO B 102 -5.15 10.84 6.51
N VAL B 103 -5.30 9.70 5.86
CA VAL B 103 -4.75 9.51 4.52
C VAL B 103 -5.67 10.18 3.51
N PRO B 104 -5.12 11.08 2.69
CA PRO B 104 -5.86 11.83 1.67
C PRO B 104 -6.16 10.97 0.43
N PRO B 105 -7.05 11.51 -0.42
N PRO B 105 -6.99 11.40 -0.52
CA PRO B 105 -7.22 11.30 -1.84
CA PRO B 105 -7.37 10.41 -1.56
C PRO B 105 -5.92 11.60 -2.54
C PRO B 105 -6.25 9.69 -2.38
N SER B 106 -5.39 10.49 -3.00
CA SER B 106 -4.24 10.31 -3.87
CA SER B 106 -4.23 10.16 -3.84
C SER B 106 -2.94 10.85 -3.31
N PRO B 107 -2.44 10.30 -2.20
CA PRO B 107 -1.19 10.85 -1.65
C PRO B 107 -0.01 10.60 -2.56
N LYS B 108 0.96 11.51 -2.55
CA LYS B 108 2.16 11.36 -3.37
C LYS B 108 3.40 11.67 -2.54
N ILE B 109 4.45 10.87 -2.74
CA ILE B 109 5.69 11.05 -2.01
C ILE B 109 6.27 12.44 -2.28
N ASP B 110 6.25 12.86 -3.54
CA ASP B 110 6.82 14.16 -3.89
C ASP B 110 5.94 15.34 -3.46
N ARG B 111 4.85 15.05 -2.76
CA ARG B 111 4.03 16.11 -2.15
C ARG B 111 4.09 16.01 -0.62
N GLY B 112 5.05 15.26 -0.10
CA GLY B 112 5.29 15.23 1.33
C GLY B 112 4.72 14.05 2.09
N TRP B 113 3.97 13.21 1.38
CA TRP B 113 3.46 11.97 1.98
C TRP B 113 4.53 10.86 1.97
N VAL B 114 5.18 10.71 3.10
CA VAL B 114 6.33 9.84 3.23
C VAL B 114 5.95 8.36 3.13
N CYS B 115 4.94 7.96 3.89
CA CYS B 115 4.48 6.58 3.83
C CYS B 115 3.09 6.49 4.39
N VAL B 116 2.45 5.35 4.19
CA VAL B 116 1.16 5.12 4.80
C VAL B 116 1.36 3.92 5.72
N PHE B 117 1.03 4.12 6.99
CA PHE B 117 1.03 3.03 7.95
C PHE B 117 -0.34 2.35 7.96
N GLN B 118 -0.31 1.03 7.80
CA GLN B 118 -1.51 0.20 7.83
C GLN B 118 -1.50 -0.49 9.19
N LEU B 119 -2.40 -0.07 10.08
CA LEU B 119 -2.41 -0.60 11.43
C LEU B 119 -3.18 -1.92 11.44
N GLN B 120 -2.89 -2.78 12.40
CA GLN B 120 -3.50 -4.12 12.40
C GLN B 120 -5.01 -4.11 12.55
N ASP B 121 -5.55 -3.11 13.23
CA ASP B 121 -7.00 -3.05 13.47
C ASP B 121 -7.73 -2.37 12.32
N GLY B 122 -7.00 -2.04 11.26
CA GLY B 122 -7.62 -1.48 10.07
C GLY B 122 -7.44 0.01 9.90
N LYS B 123 -7.00 0.71 10.96
CA LYS B 123 -6.72 2.14 10.86
C LYS B 123 -5.57 2.37 9.87
N THR B 124 -5.59 3.53 9.20
CA THR B 124 -4.49 3.90 8.31
C THR B 124 -4.11 5.34 8.61
N LEU B 125 -2.80 5.61 8.68
CA LEU B 125 -2.30 6.96 8.96
C LEU B 125 -1.20 7.32 7.97
N GLY B 126 -1.24 8.52 7.38
CA GLY B 126 -0.18 8.94 6.50
C GLY B 126 0.83 9.77 7.28
N LEU B 127 2.11 9.66 6.93
CA LEU B 127 3.14 10.50 7.53
C LEU B 127 3.42 11.66 6.58
N LYS B 128 3.21 12.88 7.07
CA LYS B 128 3.33 14.06 6.24
C LYS B 128 4.51 14.93 6.63
N ILE B 129 5.24 15.41 5.64
CA ILE B 129 6.21 16.48 5.82
C ILE B 129 5.74 17.68 5.01
CAO 1DE C . -5.64 -9.14 5.27
CBD 1DE C . -5.16 -7.85 5.02
OAQ 1DE C . -4.14 -7.10 5.59
CAP 1DE C . -4.10 -5.87 4.94
OAR 1DE C . -5.08 -5.87 3.93
CBF 1DE C . -5.71 -7.11 4.02
CAZ 1DE C . -6.76 -7.63 3.27
CL2 1DE C . -7.39 -6.60 2.04
CAM 1DE C . -7.26 -8.91 3.50
CBB 1DE C . -6.69 -9.66 4.52
CBG 1DE C . -7.12 -11.04 4.87
CAX 1DE C . -6.16 -12.00 4.58
CAU 1DE C . -5.63 -12.21 3.21
OAB 1DE C . -6.31 -11.87 2.25
CBE 1DE C . -4.33 -12.85 2.93
CAL 1DE C . -3.24 -13.08 3.79
CAK 1DE C . -2.13 -13.73 3.15
CAY 1DE C . -2.37 -13.98 1.79
CL1 1DE C . -1.32 -14.72 0.65
SAS 1DE C . -3.89 -13.40 1.41
CAV 1DE C . -6.02 -12.80 5.73
OAE 1DE C . -5.16 -13.85 5.91
CAW 1DE C . -6.93 -12.33 6.66
OAC 1DE C . -7.15 -12.80 7.93
NBH 1DE C . -7.58 -11.31 6.10
CBC 1DE C . -8.70 -10.66 6.71
CAN 1DE C . -8.53 -10.09 7.96
CAJ 1DE C . -9.93 -10.59 6.06
CAH 1DE C . -10.98 -9.96 6.69
CAI 1DE C . -10.80 -9.40 7.96
CBA 1DE C . -9.57 -9.47 8.59
CAT 1DE C . -9.37 -8.87 9.95
OAD 1DE C . -10.31 -8.29 10.53
OAA 1DE C . -8.24 -8.94 10.50
C1 GOL D . 2.52 1.01 -8.12
O1 GOL D . 1.74 1.46 -9.21
C2 GOL D . 3.99 0.82 -8.51
O2 GOL D . 4.24 1.40 -9.78
C3 GOL D . 4.39 -0.65 -8.54
O3 GOL D . 4.33 -1.22 -7.25
S DMS E . -0.66 -8.36 6.67
O DMS E . -0.58 -7.28 5.63
C1 DMS E . -2.01 -8.04 7.84
C2 DMS E . -1.25 -9.92 5.96
S DMS F . 6.68 -4.11 6.60
O DMS F . 5.31 -4.25 6.03
C1 DMS F . 6.62 -4.10 8.42
C2 DMS F . 7.66 -5.62 6.34
CAO 1DE G . 10.26 -1.29 5.52
CBD 1DE G . 9.24 -1.50 4.58
OAQ 1DE G . 8.40 -2.58 4.36
CAP 1DE G . 7.54 -2.21 3.31
OAR 1DE G . 7.92 -0.95 2.85
CBF 1DE G . 8.94 -0.51 3.68
CAZ 1DE G . 9.66 0.69 3.69
CL2 1DE G . 9.22 1.89 2.53
CAM 1DE G . 10.67 0.91 4.62
CBB 1DE G . 10.96 -0.10 5.53
CBG 1DE G . 12.01 0.02 6.58
CAX 1DE G . 11.51 0.02 7.88
CAU 1DE G . 10.51 1.03 8.33
OAB 1DE G . 10.43 2.09 7.73
CBE 1DE G . 9.59 0.80 9.48
CAL 1DE G . 9.18 -0.41 10.08
CAK 1DE G . 8.26 -0.21 11.17
CAY 1DE G . 7.97 1.14 11.40
CL1 1DE G . 6.93 1.83 12.57
SAS 1DE G . 8.81 2.04 10.27
CAV 1DE G . 12.26 -0.90 8.63
OAE 1DE G . 12.11 -1.25 9.95
CAW 1DE G . 13.22 -1.39 7.76
OAC 1DE G . 14.20 -2.31 8.06
NBH 1DE G . 13.07 -0.80 6.57
CBC 1DE G . 13.97 -0.99 5.49
CAN 1DE G . 14.10 -2.27 4.97
CAJ 1DE G . 14.70 0.07 4.97
CAH 1DE G . 15.58 -0.18 3.92
CAI 1DE G . 15.71 -1.45 3.40
CBA 1DE G . 14.97 -2.50 3.92
CAT 1DE G . 15.09 -3.88 3.39
OAD 1DE G . 14.39 -4.80 3.89
OAA 1DE G . 15.87 -4.14 2.44
#